data_9GNX
#
_entry.id   9GNX
#
_cell.length_a   90.350
_cell.length_b   90.350
_cell.length_c   151.880
_cell.angle_alpha   90.00
_cell.angle_beta   90.00
_cell.angle_gamma   120.00
#
_symmetry.space_group_name_H-M   'P 65 2 2'
#
loop_
_entity.id
_entity.type
_entity.pdbx_description
1 polymer 'Sentrin-specific protease 5'
2 polymer 'Small ubiquitin-related modifier 1'
3 water water
#
loop_
_entity_poly.entity_id
_entity_poly.type
_entity_poly.pdbx_seq_one_letter_code
_entity_poly.pdbx_strand_id
1 'polypeptide(L)'
;HHHHHHSSGLVPRGSHMASMLDMDDLATLDGQNWLNDQVINMYGELIMDAVPDKVHFFNSFFHRQLVTKGYNGVKRWTKK
VDLFKKSLLLIPIHLEVHWSLITVTLSNRIISFYDSQGIHFKFCVENIRKYLLTEAREKNRPEFLQGWQTAVTKCIPQQK
NDSDCGVFVLQYCKCLALEQPFQFSQEDMPRVRKRIYKELCECRLMD
;
A
2 'polypeptide(L)'
;MGEYIKLKVIGQDSSEIHFKVKMTTHLKKLKESYCQRQGVPMNSLRFLFDGQRIADNHTPKELGMEEEDVIEVYQEQTG
(AYE)
;
B
#
# COMPACT_ATOMS: atom_id res chain seq x y z
N MET A 20 11.64 -9.68 -3.15
CA MET A 20 12.77 -8.85 -2.71
C MET A 20 12.79 -7.48 -3.40
N LEU A 21 13.66 -6.59 -2.90
CA LEU A 21 13.75 -5.22 -3.37
C LEU A 21 15.12 -4.92 -3.95
N ASP A 22 15.16 -3.91 -4.82
CA ASP A 22 16.47 -3.48 -5.30
C ASP A 22 17.18 -2.71 -4.20
N MET A 23 18.50 -2.57 -4.38
CA MET A 23 19.37 -2.03 -3.35
C MET A 23 19.21 -0.52 -3.19
N ASP A 24 18.67 0.17 -4.19
CA ASP A 24 18.43 1.59 -3.94
C ASP A 24 17.09 1.81 -3.26
N ASP A 25 16.16 0.84 -3.33
CA ASP A 25 14.96 0.93 -2.49
C ASP A 25 15.32 0.69 -1.03
N LEU A 26 16.01 -0.42 -0.74
CA LEU A 26 16.50 -0.67 0.61
C LEU A 26 17.34 0.49 1.12
N ALA A 27 18.01 1.21 0.22
CA ALA A 27 18.88 2.29 0.64
C ALA A 27 18.11 3.44 1.26
N THR A 28 16.80 3.55 1.03
CA THR A 28 16.09 4.58 1.75
C THR A 28 15.96 4.28 3.24
N LEU A 29 16.35 3.08 3.70
CA LEU A 29 16.38 2.81 5.13
C LEU A 29 17.64 3.34 5.80
N ASP A 30 18.69 3.63 5.03
CA ASP A 30 19.98 3.99 5.62
C ASP A 30 19.95 5.38 6.25
N GLY A 31 20.72 5.52 7.33
CA GLY A 31 20.96 6.81 7.95
C GLY A 31 19.65 7.50 8.23
N GLN A 32 19.43 8.68 7.64
CA GLN A 32 18.17 9.37 7.83
C GLN A 32 17.42 9.58 6.51
N ASN A 33 17.63 8.70 5.53
CA ASN A 33 16.90 8.84 4.27
C ASN A 33 15.40 8.66 4.48
N TRP A 34 14.64 9.37 3.66
CA TRP A 34 13.19 9.25 3.68
C TRP A 34 12.77 7.93 3.07
N LEU A 35 11.91 7.17 3.77
CA LEU A 35 11.47 5.90 3.20
C LEU A 35 10.66 6.14 1.94
N ASN A 36 10.77 5.24 0.98
CA ASN A 36 9.95 5.34 -0.21
C ASN A 36 8.89 4.24 -0.19
N ASP A 37 8.04 4.22 -1.24
CA ASP A 37 6.87 3.34 -1.27
C ASP A 37 7.26 1.88 -1.38
N GLN A 38 8.45 1.58 -1.88
CA GLN A 38 8.82 0.17 -1.98
C GLN A 38 9.09 -0.43 -0.62
N VAL A 39 9.75 0.32 0.27
CA VAL A 39 9.94 -0.17 1.64
C VAL A 39 8.59 -0.31 2.34
N ILE A 40 7.74 0.71 2.26
CA ILE A 40 6.45 0.68 2.94
C ILE A 40 5.62 -0.50 2.46
N ASN A 41 5.46 -0.63 1.13
CA ASN A 41 4.56 -1.63 0.59
C ASN A 41 5.16 -3.01 0.73
N MET A 42 6.47 -3.15 0.67
CA MET A 42 6.98 -4.49 0.86
C MET A 42 6.88 -4.92 2.32
N TYR A 43 7.12 -3.99 3.26
CA TYR A 43 6.95 -4.33 4.67
C TYR A 43 5.49 -4.66 4.98
N GLY A 44 4.56 -3.88 4.44
CA GLY A 44 3.16 -4.24 4.57
C GLY A 44 2.87 -5.65 4.08
N GLU A 45 3.44 -6.02 2.95
CA GLU A 45 3.24 -7.38 2.43
C GLU A 45 3.84 -8.39 3.37
N LEU A 46 4.98 -8.05 3.96
CA LEU A 46 5.57 -8.94 4.96
C LEU A 46 4.62 -9.12 6.14
N ILE A 47 4.04 -8.03 6.63
CA ILE A 47 3.16 -8.15 7.80
C ILE A 47 1.98 -9.05 7.47
N MET A 48 1.36 -8.80 6.32
CA MET A 48 0.18 -9.53 5.90
C MET A 48 0.50 -10.98 5.62
N ASP A 49 1.71 -11.29 5.17
CA ASP A 49 2.09 -12.69 5.09
C ASP A 49 2.40 -13.30 6.47
N ALA A 50 2.65 -12.50 7.49
CA ALA A 50 2.89 -13.09 8.81
C ALA A 50 1.58 -13.45 9.52
N VAL A 51 0.53 -12.64 9.37
CA VAL A 51 -0.76 -12.85 10.02
C VAL A 51 -1.86 -12.68 8.99
N PRO A 52 -1.99 -13.57 8.01
CA PRO A 52 -2.86 -13.28 6.86
C PRO A 52 -4.35 -13.33 7.18
N ASP A 53 -4.75 -14.02 8.25
CA ASP A 53 -6.16 -14.09 8.58
C ASP A 53 -6.67 -12.87 9.33
N LYS A 54 -5.79 -12.11 9.97
CA LYS A 54 -6.30 -10.98 10.74
C LYS A 54 -6.05 -9.62 10.10
N VAL A 55 -5.12 -9.49 9.16
CA VAL A 55 -4.68 -8.18 8.68
C VAL A 55 -4.77 -8.10 7.17
N HIS A 56 -5.39 -7.05 6.66
CA HIS A 56 -5.20 -6.67 5.27
C HIS A 56 -4.49 -5.33 5.18
N PHE A 57 -3.43 -5.29 4.41
CA PHE A 57 -2.61 -4.10 4.26
C PHE A 57 -2.89 -3.59 2.88
N PHE A 58 -3.45 -2.38 2.78
CA PHE A 58 -3.57 -1.75 1.47
C PHE A 58 -2.26 -1.05 1.14
N ASN A 59 -1.80 -1.17 -0.10
CA ASN A 59 -0.56 -0.49 -0.43
C ASN A 59 -0.77 1.01 -0.47
N SER A 60 0.33 1.75 -0.55
CA SER A 60 0.38 3.20 -0.46
C SER A 60 -0.34 3.89 -1.61
N PHE A 61 -0.64 3.18 -2.67
CA PHE A 61 -1.30 3.83 -3.80
C PHE A 61 -2.81 3.78 -3.68
N PHE A 62 -3.36 2.98 -2.74
CA PHE A 62 -4.79 2.82 -2.60
C PHE A 62 -5.47 4.16 -2.33
N HIS A 63 -4.94 4.92 -1.35
CA HIS A 63 -5.67 6.11 -0.94
C HIS A 63 -5.61 7.18 -2.00
N ARG A 64 -4.48 7.30 -2.70
CA ARG A 64 -4.41 8.23 -3.82
C ARG A 64 -5.45 7.88 -4.88
N GLN A 65 -5.55 6.62 -5.25
CA GLN A 65 -6.51 6.20 -6.26
C GLN A 65 -7.96 6.28 -5.76
N LEU A 66 -8.21 6.05 -4.46
CA LEU A 66 -9.55 6.29 -3.92
C LEU A 66 -9.93 7.76 -4.00
N VAL A 67 -9.01 8.66 -3.69
CA VAL A 67 -9.36 10.09 -3.69
C VAL A 67 -9.67 10.56 -5.09
N THR A 68 -8.86 10.17 -6.06
CA THR A 68 -9.03 10.79 -7.38
C THR A 68 -10.11 10.12 -8.21
N LYS A 69 -10.32 8.79 -8.05
CA LYS A 69 -11.34 8.09 -8.83
C LYS A 69 -12.51 7.53 -8.00
N GLY A 70 -12.46 7.63 -6.68
CA GLY A 70 -13.55 7.18 -5.86
C GLY A 70 -13.64 5.67 -5.83
N TYR A 71 -14.74 5.18 -5.26
CA TYR A 71 -14.88 3.74 -5.11
C TYR A 71 -14.68 3.01 -6.44
N ASN A 72 -15.15 3.59 -7.56
CA ASN A 72 -15.05 2.85 -8.83
C ASN A 72 -13.59 2.62 -9.21
N GLY A 73 -12.70 3.54 -8.84
CA GLY A 73 -11.28 3.36 -9.09
C GLY A 73 -10.64 2.21 -8.35
N VAL A 74 -11.15 1.83 -7.16
CA VAL A 74 -10.54 0.81 -6.33
C VAL A 74 -11.44 -0.39 -6.08
N LYS A 75 -12.61 -0.42 -6.73
CA LYS A 75 -13.53 -1.54 -6.52
C LYS A 75 -12.86 -2.89 -6.76
N ARG A 76 -11.97 -3.06 -7.73
CA ARG A 76 -11.41 -4.39 -8.00
C ARG A 76 -10.26 -4.75 -7.07
N TRP A 77 -9.82 -3.83 -6.23
CA TRP A 77 -8.73 -4.14 -5.31
C TRP A 77 -9.11 -5.20 -4.28
N THR A 78 -10.40 -5.43 -4.05
CA THR A 78 -10.87 -6.44 -3.11
C THR A 78 -11.61 -7.56 -3.81
N LYS A 79 -11.31 -7.82 -5.08
CA LYS A 79 -12.02 -8.91 -5.77
C LYS A 79 -11.76 -10.27 -5.13
N LYS A 80 -10.66 -10.42 -4.38
CA LYS A 80 -10.30 -11.70 -3.77
C LYS A 80 -10.08 -11.59 -2.26
N VAL A 81 -10.61 -10.55 -1.63
CA VAL A 81 -10.38 -10.28 -0.22
C VAL A 81 -11.72 -9.93 0.41
N ASP A 82 -12.06 -10.61 1.49
CA ASP A 82 -13.22 -10.26 2.29
C ASP A 82 -12.74 -9.41 3.44
N LEU A 83 -12.86 -8.08 3.30
CA LEU A 83 -12.28 -7.19 4.32
C LEU A 83 -12.97 -7.37 5.64
N PHE A 84 -14.24 -7.75 5.61
CA PHE A 84 -15.02 -7.74 6.83
C PHE A 84 -14.82 -8.99 7.67
N LYS A 85 -14.05 -9.96 7.19
CA LYS A 85 -13.60 -11.05 8.06
C LYS A 85 -12.24 -10.80 8.69
N LYS A 86 -11.54 -9.73 8.30
CA LYS A 86 -10.28 -9.35 8.94
C LYS A 86 -10.57 -8.64 10.27
N SER A 87 -9.56 -8.60 11.14
CA SER A 87 -9.63 -7.79 12.37
C SER A 87 -9.20 -6.36 12.17
N LEU A 88 -8.20 -6.13 11.31
CA LEU A 88 -7.43 -4.88 11.24
C LEU A 88 -7.09 -4.60 9.79
N LEU A 89 -7.45 -3.42 9.30
CA LEU A 89 -6.99 -2.94 8.00
C LEU A 89 -5.92 -1.89 8.24
N LEU A 90 -4.83 -1.97 7.49
CA LEU A 90 -3.74 -1.00 7.60
C LEU A 90 -3.65 -0.26 6.28
N ILE A 91 -3.79 1.06 6.32
CA ILE A 91 -3.79 1.89 5.14
C ILE A 91 -2.73 2.97 5.29
N PRO A 92 -1.53 2.77 4.78
CA PRO A 92 -0.55 3.85 4.73
C PRO A 92 -1.06 4.99 3.86
N ILE A 93 -0.89 6.21 4.35
CA ILE A 93 -1.34 7.41 3.69
C ILE A 93 -0.12 8.21 3.30
N HIS A 94 0.06 8.41 1.98
CA HIS A 94 1.10 9.30 1.47
C HIS A 94 0.50 10.69 1.31
N LEU A 95 0.89 11.60 2.17
CA LEU A 95 0.46 12.97 1.97
C LEU A 95 1.66 13.73 1.42
N GLU A 96 1.54 15.04 1.34
CA GLU A 96 2.58 15.80 0.65
C GLU A 96 3.90 15.56 1.38
N VAL A 97 4.80 14.82 0.73
CA VAL A 97 6.11 14.51 1.28
C VAL A 97 6.10 13.89 2.69
N HIS A 98 5.08 13.12 3.05
CA HIS A 98 4.91 12.71 4.43
C HIS A 98 4.15 11.40 4.49
N TRP A 99 4.54 10.52 5.43
CA TRP A 99 3.90 9.24 5.63
C TRP A 99 3.05 9.32 6.88
N SER A 100 1.78 8.90 6.76
CA SER A 100 0.95 8.64 7.94
C SER A 100 0.15 7.35 7.77
N LEU A 101 -0.78 7.08 8.69
CA LEU A 101 -1.39 5.75 8.76
C LEU A 101 -2.84 5.85 9.18
N ILE A 102 -3.72 5.14 8.48
CA ILE A 102 -5.09 4.88 8.91
C ILE A 102 -5.15 3.42 9.29
N THR A 103 -5.80 3.11 10.41
CA THR A 103 -6.13 1.73 10.71
C THR A 103 -7.63 1.64 10.88
N VAL A 104 -8.17 0.47 10.57
CA VAL A 104 -9.57 0.12 10.74
C VAL A 104 -9.59 -1.14 11.56
N THR A 105 -10.22 -1.11 12.72
CA THR A 105 -10.47 -2.31 13.50
C THR A 105 -11.93 -2.67 13.34
N LEU A 106 -12.18 -3.88 12.85
CA LEU A 106 -13.54 -4.26 12.47
C LEU A 106 -14.40 -4.66 13.66
N SER A 107 -13.78 -5.07 14.76
CA SER A 107 -14.55 -5.54 15.91
C SER A 107 -15.34 -4.41 16.55
N ASN A 108 -14.73 -3.23 16.73
CA ASN A 108 -15.46 -2.10 17.29
C ASN A 108 -15.70 -1.00 16.28
N ARG A 109 -15.31 -1.20 15.02
CA ARG A 109 -15.65 -0.30 13.91
C ARG A 109 -15.08 1.10 14.12
N ILE A 110 -13.79 1.16 14.47
CA ILE A 110 -13.07 2.42 14.70
C ILE A 110 -12.08 2.63 13.57
N ILE A 111 -12.12 3.81 12.94
CA ILE A 111 -11.14 4.24 11.94
C ILE A 111 -10.19 5.20 12.64
N SER A 112 -8.89 4.85 12.73
CA SER A 112 -7.95 5.65 13.52
C SER A 112 -6.90 6.25 12.60
N PHE A 113 -6.45 7.46 12.92
CA PHE A 113 -5.43 8.18 12.13
C PHE A 113 -4.19 8.40 12.99
N TYR A 114 -3.06 7.85 12.56
CA TYR A 114 -1.83 7.80 13.37
C TYR A 114 -0.84 8.68 12.63
N ASP A 115 -0.24 9.63 13.35
CA ASP A 115 0.79 10.43 12.74
C ASP A 115 1.88 10.77 13.76
N SER A 116 3.15 10.52 13.38
CA SER A 116 4.33 10.72 14.22
C SER A 116 4.75 12.18 14.36
N GLN A 117 4.08 13.11 13.67
CA GLN A 117 4.46 14.52 13.66
C GLN A 117 3.33 15.43 14.10
N GLY A 118 2.25 14.86 14.66
CA GLY A 118 1.11 15.67 15.08
C GLY A 118 0.20 16.17 13.97
N ILE A 119 0.32 15.63 12.74
CA ILE A 119 -0.54 16.04 11.62
C ILE A 119 -1.99 15.72 11.94
N HIS A 120 -2.91 16.59 11.51
CA HIS A 120 -4.35 16.38 11.67
C HIS A 120 -5.00 16.58 10.30
N PHE A 121 -5.12 15.50 9.52
CA PHE A 121 -5.65 15.55 8.16
C PHE A 121 -7.03 14.89 8.18
N LYS A 122 -8.09 15.70 8.34
CA LYS A 122 -9.47 15.22 8.51
C LYS A 122 -10.04 14.55 7.26
N PHE A 123 -9.62 15.00 6.09
CA PHE A 123 -10.16 14.43 4.86
C PHE A 123 -10.00 12.92 4.80
N CYS A 124 -8.90 12.37 5.33
CA CYS A 124 -8.69 10.97 4.94
C CYS A 124 -9.51 9.99 5.77
N VAL A 125 -9.80 10.28 7.05
CA VAL A 125 -10.69 9.35 7.75
C VAL A 125 -12.04 9.32 7.07
N GLU A 126 -12.50 10.46 6.53
CA GLU A 126 -13.79 10.39 5.89
C GLU A 126 -13.70 9.76 4.52
N ASN A 127 -12.56 9.86 3.80
CA ASN A 127 -12.44 9.07 2.58
C ASN A 127 -12.55 7.59 2.91
N ILE A 128 -11.92 7.15 3.99
CA ILE A 128 -11.98 5.73 4.33
C ILE A 128 -13.38 5.32 4.76
N ARG A 129 -14.04 6.14 5.60
CA ARG A 129 -15.38 5.80 6.04
C ARG A 129 -16.34 5.66 4.86
N LYS A 130 -16.19 6.51 3.83
CA LYS A 130 -17.06 6.41 2.66
C LYS A 130 -16.78 5.14 1.87
N TYR A 131 -15.49 4.81 1.70
CA TYR A 131 -15.09 3.57 1.06
C TYR A 131 -15.69 2.35 1.77
N LEU A 132 -15.57 2.29 3.10
CA LEU A 132 -16.07 1.14 3.83
C LEU A 132 -17.57 0.97 3.66
N LEU A 133 -18.31 2.08 3.73
CA LEU A 133 -19.74 2.06 3.52
C LEU A 133 -20.09 1.56 2.13
N THR A 134 -19.36 2.02 1.09
CA THR A 134 -19.70 1.58 -0.27
C THR A 134 -19.35 0.12 -0.45
N GLU A 135 -18.18 -0.28 0.06
CA GLU A 135 -17.81 -1.68 0.00
C GLU A 135 -18.82 -2.56 0.76
N ALA A 136 -19.34 -2.07 1.89
CA ALA A 136 -20.35 -2.87 2.61
C ALA A 136 -21.63 -3.02 1.79
N ARG A 137 -22.06 -1.95 1.10
CA ARG A 137 -23.28 -2.13 0.29
C ARG A 137 -23.01 -3.04 -0.88
N GLU A 138 -21.82 -2.98 -1.48
CA GLU A 138 -21.59 -3.73 -2.71
C GLU A 138 -21.29 -5.21 -2.44
N LYS A 139 -20.64 -5.55 -1.33
CA LYS A 139 -20.40 -6.95 -1.00
C LYS A 139 -21.53 -7.57 -0.19
N ASN A 140 -22.63 -6.85 0.01
CA ASN A 140 -23.76 -7.39 0.77
C ASN A 140 -23.35 -7.77 2.19
N ARG A 141 -22.75 -6.82 2.89
CA ARG A 141 -22.46 -6.98 4.30
C ARG A 141 -23.08 -5.81 5.04
N PRO A 142 -24.42 -5.73 5.03
CA PRO A 142 -25.07 -4.55 5.62
C PRO A 142 -24.95 -4.47 7.14
N GLU A 143 -24.40 -5.49 7.79
CA GLU A 143 -24.12 -5.30 9.22
C GLU A 143 -22.96 -4.34 9.45
N PHE A 144 -22.33 -3.86 8.38
CA PHE A 144 -21.23 -2.91 8.46
C PHE A 144 -21.58 -1.55 7.89
N LEU A 145 -22.87 -1.25 7.72
CA LEU A 145 -23.34 0.02 7.19
C LEU A 145 -23.52 1.11 8.24
N GLN A 146 -23.44 0.78 9.53
CA GLN A 146 -23.80 1.62 10.65
C GLN A 146 -22.70 1.51 11.70
N GLY A 147 -22.48 2.51 12.53
CA GLY A 147 -21.62 2.28 13.68
C GLY A 147 -20.18 2.75 13.57
N TRP A 148 -19.74 3.19 12.40
CA TRP A 148 -18.35 3.60 12.23
C TRP A 148 -18.09 4.89 12.99
N GLN A 149 -17.03 4.88 13.80
CA GLN A 149 -16.59 6.02 14.58
C GLN A 149 -15.12 6.33 14.27
N THR A 150 -14.72 7.56 14.51
CA THR A 150 -13.36 7.96 14.20
C THR A 150 -12.58 8.25 15.48
N ALA A 151 -11.27 8.48 15.30
CA ALA A 151 -10.35 8.73 16.40
C ALA A 151 -8.94 9.08 15.89
N VAL A 152 -8.43 10.25 16.25
CA VAL A 152 -7.01 10.57 16.02
C VAL A 152 -6.24 9.96 17.17
N THR A 153 -5.42 8.96 16.89
CA THR A 153 -4.97 8.14 18.02
C THR A 153 -4.07 8.90 18.99
N LYS A 154 -4.60 8.91 20.22
CA LYS A 154 -4.02 9.56 21.37
C LYS A 154 -2.68 8.91 21.75
N CYS A 155 -1.82 9.70 22.42
CA CYS A 155 -1.03 8.74 23.22
C CYS A 155 0.14 8.13 22.45
N ILE A 156 0.71 8.56 21.32
CA ILE A 156 1.57 7.65 20.57
C ILE A 156 2.95 8.29 20.43
N PRO A 157 4.00 7.49 20.39
CA PRO A 157 5.35 8.03 20.27
C PRO A 157 5.45 8.99 19.09
N GLN A 158 6.06 10.13 19.31
CA GLN A 158 6.14 11.19 18.32
C GLN A 158 7.58 11.34 17.87
N GLN A 159 7.77 11.71 16.60
CA GLN A 159 9.11 11.86 16.09
C GLN A 159 9.71 13.18 16.54
N LYS A 160 11.02 13.22 16.56
CA LYS A 160 11.75 14.40 17.00
C LYS A 160 12.69 14.88 15.90
N ASN A 161 12.49 14.42 14.68
CA ASN A 161 13.25 14.91 13.54
C ASN A 161 12.30 14.99 12.34
N ASP A 162 12.83 15.31 11.17
CA ASP A 162 12.00 15.52 9.99
C ASP A 162 12.18 14.40 8.98
N SER A 163 12.73 13.28 9.41
CA SER A 163 12.94 12.21 8.46
C SER A 163 12.25 10.89 8.76
N ASP A 164 11.72 10.66 9.97
CA ASP A 164 11.42 9.28 10.38
C ASP A 164 9.95 8.85 10.24
N CYS A 165 9.10 9.69 9.65
CA CYS A 165 7.69 9.47 9.34
C CYS A 165 7.41 8.00 9.06
N GLY A 166 8.10 7.61 7.99
CA GLY A 166 7.85 6.30 7.41
C GLY A 166 8.19 5.18 8.39
N VAL A 167 9.21 5.39 9.20
CA VAL A 167 9.66 4.35 10.12
C VAL A 167 8.65 4.21 11.24
N PHE A 168 8.17 5.35 11.76
CA PHE A 168 7.09 5.29 12.74
C PHE A 168 5.89 4.56 12.17
N VAL A 169 5.50 4.89 10.92
CA VAL A 169 4.34 4.23 10.32
C VAL A 169 4.52 2.73 10.33
N LEU A 170 5.70 2.26 9.96
CA LEU A 170 5.85 0.81 9.85
C LEU A 170 5.94 0.16 11.21
N GLN A 171 6.45 0.89 12.20
CA GLN A 171 6.47 0.33 13.54
C GLN A 171 5.07 0.30 14.15
N TYR A 172 4.24 1.33 13.92
CA TYR A 172 2.84 1.23 14.31
C TYR A 172 2.20 0.01 13.67
N CYS A 173 2.49 -0.22 12.38
CA CYS A 173 1.91 -1.34 11.65
C CYS A 173 2.30 -2.64 12.29
N LYS A 174 3.60 -2.79 12.58
CA LYS A 174 4.04 -4.08 13.11
C LYS A 174 3.46 -4.32 14.49
N CYS A 175 3.44 -3.27 15.31
CA CYS A 175 2.88 -3.38 16.67
C CYS A 175 1.41 -3.78 16.63
N LEU A 176 0.63 -3.09 15.80
CA LEU A 176 -0.80 -3.39 15.77
C LEU A 176 -1.06 -4.79 15.20
N ALA A 177 -0.33 -5.17 14.14
CA ALA A 177 -0.54 -6.49 13.56
C ALA A 177 -0.19 -7.61 14.54
N LEU A 178 0.85 -7.44 15.34
CA LEU A 178 1.22 -8.49 16.28
C LEU A 178 0.61 -8.25 17.65
N GLU A 179 -0.25 -7.23 17.77
CA GLU A 179 -0.92 -6.87 19.02
C GLU A 179 0.08 -6.66 20.15
N GLN A 180 1.01 -5.74 19.89
CA GLN A 180 1.93 -5.36 20.94
C GLN A 180 1.72 -3.91 21.30
N PRO A 181 2.10 -3.51 22.52
CA PRO A 181 2.02 -2.10 22.88
C PRO A 181 3.07 -1.30 22.13
N PHE A 182 2.91 0.01 22.17
CA PHE A 182 3.80 0.92 21.47
C PHE A 182 4.97 1.26 22.38
N GLN A 183 5.80 0.26 22.68
CA GLN A 183 6.95 0.45 23.57
C GLN A 183 8.20 0.79 22.75
N PHE A 184 8.18 2.00 22.21
CA PHE A 184 9.32 2.50 21.45
C PHE A 184 9.30 4.01 21.49
N SER A 185 10.45 4.61 21.23
CA SER A 185 10.49 6.06 21.09
C SER A 185 11.48 6.41 19.99
N GLN A 186 11.66 7.71 19.79
CA GLN A 186 12.55 8.22 18.75
C GLN A 186 13.96 7.66 18.88
N GLU A 187 14.45 7.48 20.11
CA GLU A 187 15.79 6.95 20.34
C GLU A 187 15.97 5.55 19.74
N ASP A 188 14.89 4.77 19.55
CA ASP A 188 15.02 3.43 18.99
C ASP A 188 15.10 3.40 17.46
N MET A 189 14.87 4.52 16.78
CA MET A 189 14.56 4.46 15.36
C MET A 189 15.75 4.04 14.50
N PRO A 190 16.99 4.49 14.79
CA PRO A 190 18.12 3.94 14.03
C PRO A 190 18.11 2.42 14.03
N ARG A 191 17.81 1.81 15.18
CA ARG A 191 17.81 0.37 15.27
C ARG A 191 16.57 -0.24 14.65
N VAL A 192 15.42 0.45 14.70
CA VAL A 192 14.27 -0.07 13.97
C VAL A 192 14.52 0.01 12.45
N ARG A 193 15.25 1.03 11.96
CA ARG A 193 15.64 1.04 10.55
C ARG A 193 16.45 -0.19 10.19
N LYS A 194 17.40 -0.56 11.05
CA LYS A 194 18.18 -1.73 10.65
C LYS A 194 17.41 -3.03 10.85
N ARG A 195 16.43 -3.09 11.76
CA ARG A 195 15.60 -4.29 11.84
C ARG A 195 14.75 -4.45 10.58
N ILE A 196 14.12 -3.36 10.12
CA ILE A 196 13.30 -3.45 8.92
C ILE A 196 14.14 -3.89 7.72
N TYR A 197 15.30 -3.26 7.55
CA TYR A 197 16.25 -3.71 6.54
C TYR A 197 16.45 -5.22 6.59
N LYS A 198 16.75 -5.76 7.78
CA LYS A 198 17.07 -7.17 7.88
C LYS A 198 15.85 -8.03 7.57
N GLU A 199 14.68 -7.60 8.02
CA GLU A 199 13.46 -8.36 7.81
C GLU A 199 13.13 -8.42 6.33
N LEU A 200 13.31 -7.29 5.63
CA LEU A 200 13.09 -7.25 4.19
C LEU A 200 14.08 -8.13 3.45
N CYS A 201 15.35 -8.12 3.85
CA CYS A 201 16.30 -9.00 3.17
C CYS A 201 16.01 -10.47 3.43
N GLU A 202 15.52 -10.84 4.59
CA GLU A 202 15.24 -12.25 4.85
C GLU A 202 13.80 -12.64 4.55
N CYS A 203 12.98 -11.69 4.08
CA CYS A 203 11.57 -11.91 3.79
C CYS A 203 10.89 -12.65 4.94
N ARG A 204 10.99 -12.09 6.14
CA ARG A 204 10.33 -12.60 7.33
C ARG A 204 10.43 -11.58 8.45
N LEU A 205 9.36 -11.45 9.22
CA LEU A 205 9.35 -10.62 10.41
C LEU A 205 10.04 -11.33 11.56
N MET A 206 10.46 -10.55 12.54
CA MET A 206 11.12 -11.06 13.73
C MET A 206 10.13 -11.27 14.86
N GLU B 3 -4.71 -16.95 -26.90
CA GLU B 3 -3.34 -16.75 -27.41
C GLU B 3 -2.76 -15.35 -27.02
N TYR B 4 -3.19 -14.30 -27.70
CA TYR B 4 -2.81 -12.93 -27.36
C TYR B 4 -3.93 -12.27 -26.57
N ILE B 5 -3.54 -11.30 -25.73
CA ILE B 5 -4.49 -10.53 -24.97
C ILE B 5 -4.16 -9.04 -25.12
N LYS B 6 -5.20 -8.21 -25.26
CA LYS B 6 -5.04 -6.76 -25.27
C LYS B 6 -5.06 -6.20 -23.86
N LEU B 7 -4.11 -5.31 -23.56
CA LEU B 7 -3.99 -4.71 -22.25
C LEU B 7 -3.79 -3.21 -22.39
N LYS B 8 -4.29 -2.47 -21.41
CA LYS B 8 -4.13 -1.02 -21.37
C LYS B 8 -3.22 -0.69 -20.21
N VAL B 9 -2.23 0.15 -20.44
CA VAL B 9 -1.33 0.58 -19.37
C VAL B 9 -1.55 2.07 -19.20
N ILE B 10 -2.01 2.48 -18.03
CA ILE B 10 -2.47 3.84 -17.83
C ILE B 10 -1.70 4.47 -16.68
N GLY B 11 -1.06 5.61 -16.94
CA GLY B 11 -0.30 6.22 -15.89
C GLY B 11 -0.84 7.56 -15.43
N GLN B 12 0.09 8.42 -15.00
CA GLN B 12 -0.28 9.72 -14.47
C GLN B 12 -0.94 10.60 -15.52
N ASP B 13 -0.40 10.60 -16.75
CA ASP B 13 -0.98 11.42 -17.81
C ASP B 13 -2.35 10.93 -18.27
N SER B 14 -2.88 9.86 -17.67
CA SER B 14 -4.17 9.27 -18.01
C SER B 14 -4.23 8.76 -19.46
N SER B 15 -3.12 8.78 -20.18
CA SER B 15 -3.21 8.25 -21.53
C SER B 15 -3.02 6.74 -21.48
N GLU B 16 -3.71 6.09 -22.39
CA GLU B 16 -3.72 4.64 -22.45
C GLU B 16 -2.65 4.21 -23.44
N ILE B 17 -1.70 3.41 -22.97
CA ILE B 17 -0.76 2.72 -23.85
C ILE B 17 -1.28 1.29 -24.06
N HIS B 18 -1.57 0.93 -25.30
CA HIS B 18 -2.20 -0.35 -25.61
C HIS B 18 -1.16 -1.40 -25.97
N PHE B 19 -1.22 -2.54 -25.29
CA PHE B 19 -0.37 -3.68 -25.60
C PHE B 19 -1.22 -4.83 -26.14
N LYS B 20 -0.58 -5.69 -26.93
CA LYS B 20 -1.17 -6.94 -27.35
C LYS B 20 -0.12 -8.04 -27.24
N VAL B 21 -0.05 -8.71 -26.09
CA VAL B 21 1.00 -9.65 -25.67
C VAL B 21 0.46 -11.07 -25.53
N LYS B 22 1.36 -12.06 -25.51
CA LYS B 22 0.93 -13.43 -25.31
C LYS B 22 0.53 -13.64 -23.85
N MET B 23 -0.42 -14.55 -23.62
CA MET B 23 -0.86 -14.73 -22.24
C MET B 23 0.16 -15.44 -21.38
N THR B 24 1.11 -16.14 -21.97
CA THR B 24 2.09 -16.90 -21.23
C THR B 24 3.41 -16.16 -21.01
N THR B 25 3.63 -15.03 -21.65
CA THR B 25 4.95 -14.47 -21.45
C THR B 25 5.01 -13.52 -20.24
N HIS B 26 6.21 -13.47 -19.67
CA HIS B 26 6.42 -12.73 -18.43
C HIS B 26 6.21 -11.24 -18.65
N LEU B 27 5.56 -10.59 -17.69
CA LEU B 27 5.22 -9.18 -17.83
C LEU B 27 6.42 -8.27 -17.67
N LYS B 28 7.55 -8.77 -17.16
CA LYS B 28 8.79 -8.01 -17.20
C LYS B 28 8.99 -7.33 -18.56
N LYS B 29 8.64 -8.03 -19.65
CA LYS B 29 8.93 -7.34 -20.91
C LYS B 29 7.90 -6.26 -21.22
N LEU B 30 6.63 -6.36 -20.81
CA LEU B 30 5.73 -5.22 -20.90
C LEU B 30 6.24 -4.05 -20.07
N LYS B 31 6.74 -4.33 -18.88
CA LYS B 31 7.26 -3.26 -18.03
C LYS B 31 8.42 -2.55 -18.70
N GLU B 32 9.33 -3.31 -19.34
CA GLU B 32 10.48 -2.72 -20.04
CA GLU B 32 10.47 -2.68 -20.02
C GLU B 32 10.01 -1.86 -21.20
N SER B 33 9.07 -2.36 -22.00
CA SER B 33 8.58 -1.65 -23.17
C SER B 33 7.97 -0.32 -22.77
N TYR B 34 7.21 -0.34 -21.68
CA TYR B 34 6.51 0.89 -21.26
C TYR B 34 7.53 1.90 -20.79
N CYS B 35 8.57 1.47 -20.12
CA CYS B 35 9.57 2.44 -19.64
C CYS B 35 10.15 3.16 -20.83
N GLN B 36 10.68 2.37 -21.75
CA GLN B 36 11.27 2.86 -23.03
C GLN B 36 10.32 3.86 -23.65
N ARG B 37 9.09 3.47 -23.85
CA ARG B 37 8.10 4.37 -24.45
C ARG B 37 8.06 5.69 -23.70
N GLN B 38 8.07 5.68 -22.37
CA GLN B 38 8.00 6.98 -21.72
C GLN B 38 9.37 7.52 -21.29
N GLY B 39 10.46 6.84 -21.62
CA GLY B 39 11.80 7.41 -21.43
C GLY B 39 12.26 7.53 -19.99
N VAL B 40 11.79 6.65 -19.11
CA VAL B 40 12.20 6.67 -17.71
C VAL B 40 12.67 5.28 -17.33
N PRO B 41 13.49 5.14 -16.29
CA PRO B 41 14.02 3.83 -15.94
C PRO B 41 12.92 2.92 -15.38
N MET B 42 13.07 1.63 -15.65
CA MET B 42 12.04 0.71 -15.18
C MET B 42 11.92 0.69 -13.66
N ASN B 43 13.01 0.84 -12.92
CA ASN B 43 12.93 0.79 -11.47
C ASN B 43 12.33 2.05 -10.86
N SER B 44 11.84 2.98 -11.69
CA SER B 44 11.24 4.21 -11.18
C SER B 44 9.73 4.16 -11.29
N LEU B 45 9.19 3.05 -11.80
CA LEU B 45 7.76 2.87 -11.99
C LEU B 45 7.28 1.66 -11.22
N ARG B 46 6.05 1.74 -10.74
CA ARG B 46 5.36 0.61 -10.11
C ARG B 46 4.17 0.23 -10.96
N PHE B 47 4.02 -1.05 -11.25
CA PHE B 47 2.95 -1.54 -12.11
C PHE B 47 2.01 -2.37 -11.24
N LEU B 48 0.73 -2.01 -11.24
CA LEU B 48 -0.25 -2.70 -10.42
C LEU B 48 -1.38 -3.20 -11.27
N PHE B 49 -1.85 -4.40 -10.97
CA PHE B 49 -3.10 -4.92 -11.51
C PHE B 49 -4.08 -5.12 -10.35
N ASP B 50 -5.14 -4.31 -10.33
CA ASP B 50 -6.12 -4.34 -9.27
C ASP B 50 -5.44 -4.33 -7.91
N GLY B 51 -4.53 -3.38 -7.73
CA GLY B 51 -3.84 -3.21 -6.47
C GLY B 51 -2.72 -4.19 -6.20
N GLN B 52 -2.59 -5.26 -6.97
CA GLN B 52 -1.51 -6.22 -6.75
C GLN B 52 -0.29 -5.81 -7.53
N ARG B 53 0.87 -5.79 -6.87
CA ARG B 53 2.12 -5.47 -7.53
C ARG B 53 2.43 -6.53 -8.58
N ILE B 54 2.66 -6.11 -9.82
CA ILE B 54 3.06 -7.04 -10.89
C ILE B 54 4.55 -7.33 -10.77
N ALA B 55 4.90 -8.60 -10.50
CA ALA B 55 6.29 -9.03 -10.49
C ALA B 55 6.75 -9.36 -11.91
N ASP B 56 8.07 -9.45 -12.08
CA ASP B 56 8.65 -9.64 -13.40
C ASP B 56 8.25 -10.98 -13.99
N ASN B 57 8.11 -12.01 -13.16
CA ASN B 57 7.77 -13.37 -13.55
C ASN B 57 6.26 -13.60 -13.67
N HIS B 58 5.43 -12.61 -13.40
CA HIS B 58 4.00 -12.77 -13.57
C HIS B 58 3.62 -12.80 -15.04
N THR B 59 2.55 -13.49 -15.35
CA THR B 59 2.01 -13.55 -16.69
C THR B 59 0.53 -13.19 -16.65
N PRO B 60 -0.02 -12.64 -17.73
CA PRO B 60 -1.46 -12.33 -17.70
C PRO B 60 -2.31 -13.54 -17.34
N LYS B 61 -1.93 -14.74 -17.79
CA LYS B 61 -2.78 -15.88 -17.47
C LYS B 61 -2.73 -16.20 -15.99
N GLU B 62 -1.52 -16.21 -15.40
CA GLU B 62 -1.35 -16.44 -13.97
C GLU B 62 -2.09 -15.40 -13.13
N LEU B 63 -2.30 -14.20 -13.66
CA LEU B 63 -2.97 -13.13 -12.93
C LEU B 63 -4.45 -13.07 -13.24
N GLY B 64 -4.95 -13.94 -14.10
CA GLY B 64 -6.35 -13.90 -14.49
C GLY B 64 -6.78 -12.64 -15.22
N MET B 65 -5.90 -12.07 -16.03
CA MET B 65 -6.25 -10.88 -16.78
C MET B 65 -7.18 -11.23 -17.92
N GLU B 66 -8.06 -10.29 -18.26
CA GLU B 66 -8.96 -10.49 -19.37
C GLU B 66 -8.78 -9.37 -20.39
N GLU B 67 -9.38 -9.57 -21.55
CA GLU B 67 -9.19 -8.68 -22.69
C GLU B 67 -9.46 -7.23 -22.32
N GLU B 68 -8.46 -6.38 -22.55
CA GLU B 68 -8.53 -4.93 -22.35
C GLU B 68 -8.51 -4.56 -20.88
N ASP B 69 -7.99 -5.45 -20.05
CA ASP B 69 -7.78 -5.14 -18.64
C ASP B 69 -6.75 -4.02 -18.50
N VAL B 70 -6.83 -3.34 -17.36
CA VAL B 70 -6.07 -2.12 -17.13
C VAL B 70 -4.94 -2.40 -16.15
N ILE B 71 -3.74 -1.97 -16.51
CA ILE B 71 -2.62 -1.94 -15.59
C ILE B 71 -2.36 -0.49 -15.23
N GLU B 72 -2.23 -0.21 -13.94
CA GLU B 72 -1.93 1.14 -13.50
C GLU B 72 -0.45 1.29 -13.18
N VAL B 73 0.12 2.42 -13.60
CA VAL B 73 1.51 2.74 -13.40
C VAL B 73 1.59 3.90 -12.44
N TYR B 74 2.49 3.83 -11.48
CA TYR B 74 2.68 4.92 -10.52
C TYR B 74 4.16 5.20 -10.40
N GLN B 75 4.46 6.41 -9.99
CA GLN B 75 5.87 6.65 -9.75
C GLN B 75 6.12 6.64 -8.25
N GLU B 76 7.41 6.72 -7.91
CA GLU B 76 7.84 6.56 -6.54
C GLU B 76 7.24 7.66 -5.65
N GLN B 77 6.94 7.28 -4.42
CA GLN B 77 6.55 8.21 -3.38
C GLN B 77 7.65 8.20 -2.32
N THR B 78 8.04 9.36 -1.79
CA THR B 78 8.86 9.41 -0.59
C THR B 78 8.23 10.31 0.46
N GLY B 79 8.67 10.14 1.70
CA GLY B 79 8.20 11.01 2.77
C GLY B 79 9.12 11.01 3.95
#